data_6YC6
#
_entry.id   6YC6
#
_cell.length_a   82.511
_cell.length_b   82.511
_cell.length_c   170.587
_cell.angle_alpha   90.000
_cell.angle_beta   90.000
_cell.angle_gamma   90.000
#
_symmetry.space_group_name_H-M   'P 43 21 2'
#
loop_
_entity.id
_entity.type
_entity.pdbx_description
1 polymer 'PII protein'
2 non-polymer 'PHOSPHATE ION'
3 non-polymer 1,2-ETHANEDIOL
4 water water
#
_entity_poly.entity_id   1
_entity_poly.type   'polypeptide(L)'
_entity_poly.pdbx_seq_one_letter_code
;MSLHACRMKLITAIVKPFTLTDIKDALEQAGVQGMTVTETQGFGQQKGHTEVYRGAEYAVDFVPKVKIEVIISDAQAEEV
INIIVETARTGKVGDGKVWMTNIEELVRVRTGERGEAAL
;
_entity_poly.pdbx_strand_id   A,B,C
#
# COMPACT_ATOMS: atom_id res chain seq x y z
N CYS A 6 20.77 -12.50 -2.72
CA CYS A 6 19.30 -12.79 -2.72
C CYS A 6 18.49 -11.51 -2.86
N ARG A 7 17.67 -11.46 -3.90
CA ARG A 7 16.91 -10.26 -4.23
C ARG A 7 15.49 -10.37 -3.67
N MET A 8 15.06 -9.33 -2.97
CA MET A 8 13.76 -9.31 -2.33
C MET A 8 12.69 -8.78 -3.27
N LYS A 9 11.48 -9.32 -3.13
CA LYS A 9 10.36 -8.90 -3.96
C LYS A 9 9.12 -8.75 -3.10
N LEU A 10 8.34 -7.72 -3.39
CA LEU A 10 7.03 -7.51 -2.77
C LEU A 10 5.98 -8.00 -3.75
N ILE A 11 5.15 -8.94 -3.31
CA ILE A 11 4.01 -9.40 -4.10
C ILE A 11 2.77 -8.74 -3.52
N THR A 12 2.09 -7.95 -4.35
CA THR A 12 0.85 -7.28 -3.98
C THR A 12 -0.28 -7.84 -4.84
N ALA A 13 -1.43 -8.06 -4.19
CA ALA A 13 -2.61 -8.57 -4.88
C ALA A 13 -3.85 -7.91 -4.31
N ILE A 14 -4.75 -7.50 -5.20
CA ILE A 14 -6.06 -7.00 -4.82
C ILE A 14 -7.08 -8.01 -5.33
N VAL A 15 -7.79 -8.66 -4.42
CA VAL A 15 -8.64 -9.80 -4.73
C VAL A 15 -9.98 -9.64 -4.01
N LYS A 16 -10.93 -10.50 -4.39
CA LYS A 16 -12.23 -10.47 -3.75
C LYS A 16 -12.09 -10.90 -2.28
N PRO A 17 -12.85 -10.28 -1.38
CA PRO A 17 -12.60 -10.49 0.06
C PRO A 17 -12.77 -11.93 0.51
N PHE A 18 -13.68 -12.70 -0.09
CA PHE A 18 -13.95 -14.05 0.42
C PHE A 18 -12.92 -15.08 -0.03
N THR A 19 -11.93 -14.68 -0.80
CA THR A 19 -10.80 -15.55 -1.13
C THR A 19 -9.66 -15.45 -0.13
N LEU A 20 -9.77 -14.54 0.84
CA LEU A 20 -8.62 -14.22 1.69
C LEU A 20 -8.10 -15.46 2.41
N THR A 21 -8.99 -16.17 3.11
CA THR A 21 -8.54 -17.29 3.95
C THR A 21 -7.91 -18.38 3.10
N ASP A 22 -8.49 -18.68 1.94
CA ASP A 22 -7.91 -19.69 1.06
C ASP A 22 -6.52 -19.27 0.61
N ILE A 23 -6.34 -17.98 0.30
CA ILE A 23 -5.03 -17.49 -0.11
C ILE A 23 -4.04 -17.65 1.04
N LYS A 24 -4.43 -17.23 2.24
CA LYS A 24 -3.57 -17.42 3.41
C LYS A 24 -3.17 -18.88 3.54
N ASP A 25 -4.17 -19.77 3.58
CA ASP A 25 -3.89 -21.19 3.84
C ASP A 25 -2.96 -21.76 2.78
N ALA A 26 -3.12 -21.37 1.52
CA ALA A 26 -2.29 -21.92 0.45
C ALA A 26 -0.85 -21.43 0.57
N LEU A 27 -0.67 -20.18 0.99
CA LEU A 27 0.68 -19.66 1.18
C LEU A 27 1.34 -20.28 2.40
N GLU A 28 0.60 -20.39 3.51
CA GLU A 28 1.13 -21.09 4.68
C GLU A 28 1.56 -22.50 4.30
N GLN A 29 0.71 -23.23 3.58
CA GLN A 29 1.03 -24.60 3.19
C GLN A 29 2.34 -24.66 2.40
N ALA A 30 2.68 -23.58 1.70
CA ALA A 30 3.90 -23.54 0.90
C ALA A 30 5.08 -22.94 1.66
N GLY A 31 4.95 -22.73 2.97
CA GLY A 31 6.03 -22.19 3.76
C GLY A 31 6.19 -20.68 3.68
N VAL A 32 5.22 -19.97 3.12
CA VAL A 32 5.30 -18.53 2.92
C VAL A 32 4.45 -17.87 4.01
N GLN A 33 5.06 -17.00 4.79
CA GLN A 33 4.39 -16.36 5.92
C GLN A 33 4.57 -14.85 5.85
N GLY A 34 4.00 -14.16 6.83
CA GLY A 34 4.09 -12.72 6.90
C GLY A 34 3.07 -11.97 6.08
N MET A 35 2.06 -12.65 5.54
CA MET A 35 1.07 -11.95 4.74
C MET A 35 0.31 -10.94 5.60
N THR A 36 0.09 -9.77 5.03
CA THR A 36 -0.75 -8.75 5.65
C THR A 36 -1.85 -8.37 4.65
N VAL A 37 -2.95 -7.86 5.17
CA VAL A 37 -4.13 -7.60 4.37
C VAL A 37 -4.73 -6.27 4.81
N THR A 38 -5.13 -5.46 3.82
CA THR A 38 -5.80 -4.20 4.05
C THR A 38 -7.09 -4.18 3.23
N GLU A 39 -8.14 -3.58 3.78
CA GLU A 39 -9.37 -3.40 3.03
C GLU A 39 -9.22 -2.25 2.04
N THR A 40 -9.78 -2.44 0.84
CA THR A 40 -9.71 -1.43 -0.20
C THR A 40 -10.96 -1.53 -1.05
N GLN A 41 -11.11 -0.59 -1.98
CA GLN A 41 -12.33 -0.48 -2.77
C GLN A 41 -12.03 -0.20 -4.24
N GLY A 42 -12.83 -0.79 -5.12
CA GLY A 42 -12.98 -0.34 -6.49
C GLY A 42 -14.34 0.30 -6.69
N PHE A 43 -14.59 0.72 -7.93
CA PHE A 43 -15.79 1.49 -8.27
C PHE A 43 -16.75 0.64 -9.07
N GLY A 44 -18.04 0.81 -8.80
CA GLY A 44 -19.09 0.11 -9.50
C GLY A 44 -19.61 0.87 -10.71
N HIS A 49 -23.19 4.27 -9.28
CA HIS A 49 -23.54 5.53 -9.92
C HIS A 49 -23.11 6.72 -9.07
N THR A 50 -23.56 7.93 -9.43
CA THR A 50 -22.98 9.15 -8.90
C THR A 50 -24.07 10.15 -8.53
N GLU A 51 -23.75 11.00 -7.55
CA GLU A 51 -24.65 12.02 -7.05
C GLU A 51 -23.84 13.29 -6.79
N VAL A 52 -24.54 14.43 -6.79
CA VAL A 52 -23.90 15.75 -6.76
C VAL A 52 -24.29 16.47 -5.47
N TYR A 53 -23.34 17.24 -4.93
CA TYR A 53 -23.56 17.96 -3.69
C TYR A 53 -22.55 19.10 -3.59
N ARG A 54 -23.03 20.33 -3.77
CA ARG A 54 -22.23 21.54 -3.58
C ARG A 54 -20.91 21.45 -4.36
N GLY A 55 -21.03 21.11 -5.64
CA GLY A 55 -19.93 21.29 -6.57
C GLY A 55 -19.00 20.11 -6.72
N ALA A 56 -19.32 18.94 -6.18
CA ALA A 56 -18.48 17.76 -6.32
C ALA A 56 -19.32 16.55 -6.67
N GLU A 57 -18.69 15.60 -7.35
CA GLU A 57 -19.31 14.32 -7.66
C GLU A 57 -18.96 13.30 -6.58
N TYR A 58 -19.92 12.46 -6.21
CA TYR A 58 -19.72 11.44 -5.18
C TYR A 58 -20.26 10.10 -5.68
N ALA A 59 -19.36 9.14 -5.85
CA ALA A 59 -19.78 7.77 -6.09
C ALA A 59 -20.56 7.26 -4.88
N VAL A 60 -21.70 6.64 -5.14
CA VAL A 60 -22.54 6.07 -4.10
C VAL A 60 -22.51 4.54 -4.15
N ASP A 61 -21.47 3.97 -4.78
CA ASP A 61 -21.46 2.55 -5.08
C ASP A 61 -20.02 2.10 -5.20
N PHE A 62 -19.59 1.20 -4.32
CA PHE A 62 -18.22 0.71 -4.29
C PHE A 62 -18.21 -0.82 -4.25
N VAL A 63 -17.10 -1.38 -4.70
CA VAL A 63 -16.87 -2.82 -4.71
C VAL A 63 -15.81 -3.14 -3.67
N PRO A 64 -16.12 -3.93 -2.63
CA PRO A 64 -15.12 -4.20 -1.59
C PRO A 64 -14.09 -5.22 -2.07
N LYS A 65 -12.82 -4.90 -1.85
CA LYS A 65 -11.71 -5.79 -2.16
C LYS A 65 -10.79 -5.85 -0.95
N VAL A 66 -9.81 -6.75 -0.99
CA VAL A 66 -8.73 -6.77 -0.02
C VAL A 66 -7.41 -6.73 -0.79
N LYS A 67 -6.47 -5.94 -0.27
CA LYS A 67 -5.12 -5.85 -0.77
C LYS A 67 -4.24 -6.70 0.16
N ILE A 68 -3.59 -7.71 -0.39
CA ILE A 68 -2.69 -8.55 0.37
C ILE A 68 -1.27 -8.28 -0.09
N GLU A 69 -0.32 -8.40 0.84
CA GLU A 69 1.09 -8.20 0.53
C GLU A 69 1.91 -9.28 1.23
N VAL A 70 2.88 -9.82 0.51
CA VAL A 70 3.81 -10.79 1.06
C VAL A 70 5.18 -10.51 0.43
N ILE A 71 6.23 -10.68 1.25
CA ILE A 71 7.60 -10.47 0.82
C ILE A 71 8.30 -11.81 0.74
N ILE A 72 8.98 -12.06 -0.37
CA ILE A 72 9.64 -13.33 -0.63
C ILE A 72 10.88 -13.09 -1.49
N SER A 73 11.70 -14.13 -1.61
CA SER A 73 12.88 -14.07 -2.44
C SER A 73 12.48 -14.25 -3.90
N ASP A 74 13.32 -13.72 -4.80
CA ASP A 74 13.05 -13.82 -6.23
C ASP A 74 12.82 -15.27 -6.65
N ALA A 75 13.48 -16.22 -5.98
CA ALA A 75 13.36 -17.61 -6.36
C ALA A 75 11.94 -18.14 -6.11
N GLN A 76 11.28 -17.63 -5.09
CA GLN A 76 9.92 -18.07 -4.79
C GLN A 76 8.86 -17.27 -5.55
N ALA A 77 9.24 -16.16 -6.19
CA ALA A 77 8.25 -15.22 -6.69
C ALA A 77 7.25 -15.88 -7.65
N GLU A 78 7.76 -16.64 -8.63
CA GLU A 78 6.86 -17.27 -9.59
C GLU A 78 5.86 -18.18 -8.88
N GLU A 79 6.35 -19.02 -7.97
CA GLU A 79 5.48 -19.93 -7.22
C GLU A 79 4.40 -19.14 -6.48
N VAL A 80 4.81 -18.09 -5.76
CA VAL A 80 3.87 -17.35 -4.93
C VAL A 80 2.81 -16.67 -5.79
N ILE A 81 3.22 -16.07 -6.90
CA ILE A 81 2.26 -15.43 -7.80
C ILE A 81 1.22 -16.44 -8.28
N ASN A 82 1.68 -17.62 -8.72
CA ASN A 82 0.76 -18.64 -9.22
C ASN A 82 -0.19 -19.10 -8.13
N ILE A 83 0.31 -19.26 -6.90
CA ILE A 83 -0.56 -19.66 -5.80
C ILE A 83 -1.68 -18.64 -5.60
N ILE A 84 -1.32 -17.35 -5.57
CA ILE A 84 -2.32 -16.31 -5.34
C ILE A 84 -3.31 -16.28 -6.49
N VAL A 85 -2.82 -16.26 -7.73
CA VAL A 85 -3.72 -16.21 -8.89
C VAL A 85 -4.65 -17.41 -8.88
N GLU A 86 -4.09 -18.61 -8.76
CA GLU A 86 -4.90 -19.82 -8.89
C GLU A 86 -5.83 -20.02 -7.70
N THR A 87 -5.61 -19.32 -6.59
CA THR A 87 -6.48 -19.42 -5.44
C THR A 87 -7.51 -18.29 -5.39
N ALA A 88 -7.19 -17.12 -5.94
CA ALA A 88 -8.12 -16.00 -5.91
C ALA A 88 -9.13 -16.04 -7.04
N ARG A 89 -8.88 -16.81 -8.08
CA ARG A 89 -9.74 -16.80 -9.27
C ARG A 89 -11.11 -17.36 -8.93
N THR A 90 -12.16 -16.65 -9.36
CA THR A 90 -13.52 -17.12 -9.25
C THR A 90 -14.21 -17.25 -10.60
N GLY A 91 -13.65 -16.66 -11.66
CA GLY A 91 -14.26 -16.66 -12.98
C GLY A 91 -15.10 -15.44 -13.27
N LYS A 92 -15.46 -14.67 -12.26
CA LYS A 92 -16.25 -13.47 -12.46
C LYS A 92 -15.35 -12.27 -12.69
N VAL A 93 -15.91 -11.25 -13.34
CA VAL A 93 -15.22 -9.98 -13.48
C VAL A 93 -14.85 -9.46 -12.09
N GLY A 94 -13.72 -8.76 -12.02
CA GLY A 94 -13.26 -8.20 -10.77
C GLY A 94 -12.44 -9.13 -9.92
N ASP A 95 -11.94 -10.24 -10.47
CA ASP A 95 -11.12 -11.16 -9.70
C ASP A 95 -9.82 -10.52 -9.20
N GLY A 96 -9.34 -9.48 -9.88
CA GLY A 96 -8.27 -8.65 -9.37
C GLY A 96 -6.98 -8.83 -10.16
N LYS A 97 -5.91 -8.31 -9.56
CA LYS A 97 -4.59 -8.30 -10.17
C LYS A 97 -3.57 -8.72 -9.13
N VAL A 98 -2.43 -9.22 -9.61
CA VAL A 98 -1.26 -9.50 -8.79
C VAL A 98 -0.08 -8.85 -9.48
N TRP A 99 0.75 -8.14 -8.71
CA TRP A 99 1.92 -7.50 -9.30
C TRP A 99 3.12 -7.62 -8.36
N MET A 100 4.31 -7.50 -8.94
CA MET A 100 5.57 -7.63 -8.24
C MET A 100 6.33 -6.31 -8.30
N THR A 101 6.93 -5.93 -7.17
CA THR A 101 7.80 -4.78 -7.08
C THR A 101 9.09 -5.20 -6.42
N ASN A 102 10.16 -4.49 -6.72
CA ASN A 102 11.48 -4.84 -6.21
C ASN A 102 11.71 -4.18 -4.86
N ILE A 103 12.24 -4.95 -3.91
CA ILE A 103 12.59 -4.46 -2.57
C ILE A 103 14.10 -4.32 -2.51
N GLU A 104 14.57 -3.10 -2.22
CA GLU A 104 16.00 -2.82 -2.19
C GLU A 104 16.63 -3.02 -0.82
N GLU A 105 15.84 -3.12 0.24
CA GLU A 105 16.35 -3.31 1.58
C GLU A 105 15.20 -3.79 2.47
N LEU A 106 15.50 -4.76 3.34
CA LEU A 106 14.49 -5.34 4.20
C LEU A 106 15.09 -5.61 5.57
N VAL A 107 14.36 -5.23 6.62
CA VAL A 107 14.84 -5.34 7.99
C VAL A 107 13.73 -5.92 8.87
N ARG A 108 14.06 -6.96 9.63
CA ARG A 108 13.16 -7.49 10.66
C ARG A 108 13.37 -6.69 11.94
N VAL A 109 12.31 -6.07 12.43
CA VAL A 109 12.43 -5.11 13.53
C VAL A 109 12.97 -5.80 14.78
N ARG A 110 12.42 -6.96 15.14
CA ARG A 110 12.78 -7.56 16.42
C ARG A 110 14.26 -7.86 16.50
N THR A 111 14.85 -8.39 15.42
CA THR A 111 16.22 -8.88 15.45
C THR A 111 17.21 -8.01 14.70
N GLY A 112 16.76 -7.14 13.80
CA GLY A 112 17.66 -6.41 12.95
C GLY A 112 18.20 -7.19 11.77
N GLU A 113 17.71 -8.41 11.55
CA GLU A 113 18.17 -9.22 10.44
C GLU A 113 17.83 -8.54 9.11
N ARG A 114 18.67 -8.81 8.11
CA ARG A 114 18.52 -8.22 6.79
C ARG A 114 18.47 -9.30 5.73
N GLY A 115 17.86 -8.96 4.60
CA GLY A 115 17.79 -9.91 3.51
C GLY A 115 17.11 -11.20 3.93
N GLU A 116 17.54 -12.29 3.29
CA GLU A 116 16.89 -13.59 3.47
C GLU A 116 16.69 -13.92 4.94
N ALA A 117 17.60 -13.47 5.81
CA ALA A 117 17.43 -13.70 7.24
C ALA A 117 16.20 -12.99 7.80
N ALA A 118 15.64 -12.03 7.06
CA ALA A 118 14.49 -11.26 7.53
C ALA A 118 13.16 -11.76 7.01
N LEU A 119 13.17 -12.73 6.10
CA LEU A 119 11.93 -13.26 5.55
C LEU A 119 11.17 -14.09 6.58
N MET B 8 14.71 9.42 -5.17
CA MET B 8 13.69 9.31 -4.10
C MET B 8 13.46 7.85 -3.71
N LYS B 9 13.09 7.63 -2.44
CA LYS B 9 12.80 6.29 -1.94
C LYS B 9 11.52 6.31 -1.10
N LEU B 10 10.78 5.21 -1.17
CA LEU B 10 9.63 4.97 -0.29
C LEU B 10 10.05 4.01 0.80
N ILE B 11 9.86 4.41 2.05
CA ILE B 11 10.09 3.54 3.20
C ILE B 11 8.73 3.09 3.71
N THR B 12 8.53 1.78 3.76
CA THR B 12 7.30 1.19 4.26
C THR B 12 7.60 0.30 5.46
N ALA B 13 6.76 0.38 6.47
CA ALA B 13 6.94 -0.42 7.69
C ALA B 13 5.58 -0.87 8.20
N ILE B 14 5.52 -2.12 8.69
CA ILE B 14 4.34 -2.68 9.32
C ILE B 14 4.75 -3.00 10.75
N VAL B 15 4.12 -2.33 11.72
CA VAL B 15 4.59 -2.30 13.10
C VAL B 15 3.38 -2.40 14.04
N LYS B 16 3.68 -2.67 15.30
CA LYS B 16 2.62 -2.77 16.31
C LYS B 16 1.96 -1.41 16.51
N PRO B 17 0.63 -1.38 16.64
CA PRO B 17 -0.07 -0.08 16.61
C PRO B 17 0.43 0.91 17.66
N PHE B 18 0.79 0.43 18.85
CA PHE B 18 1.09 1.33 19.95
C PHE B 18 2.45 2.01 19.83
N THR B 19 3.26 1.63 18.84
CA THR B 19 4.52 2.31 18.57
C THR B 19 4.37 3.51 17.63
N LEU B 20 3.15 3.75 17.14
CA LEU B 20 2.98 4.68 16.03
C LEU B 20 3.51 6.07 16.36
N THR B 21 3.04 6.70 17.46
CA THR B 21 3.39 8.12 17.63
C THR B 21 4.79 8.26 18.22
N ASP B 22 5.37 7.24 18.90
CA ASP B 22 6.82 7.24 19.14
C ASP B 22 7.60 7.32 17.83
N ILE B 23 7.15 6.58 16.82
CA ILE B 23 7.83 6.62 15.52
C ILE B 23 7.64 7.97 14.85
N LYS B 24 6.43 8.52 14.89
CA LYS B 24 6.19 9.84 14.34
C LYS B 24 7.07 10.89 15.01
N ASP B 25 7.14 10.85 16.35
CA ASP B 25 7.97 11.81 17.07
C ASP B 25 9.45 11.65 16.72
N ALA B 26 9.93 10.39 16.66
CA ALA B 26 11.34 10.16 16.37
C ALA B 26 11.72 10.69 14.99
N LEU B 27 10.84 10.51 14.00
CA LEU B 27 11.16 10.97 12.65
C LEU B 27 11.08 12.49 12.56
N GLU B 28 10.12 13.10 13.24
CA GLU B 28 10.07 14.56 13.30
C GLU B 28 11.37 15.11 13.89
N GLN B 29 11.85 14.52 14.99
CA GLN B 29 13.08 14.99 15.59
C GLN B 29 14.26 14.90 14.62
N ALA B 30 14.22 13.97 13.68
CA ALA B 30 15.22 13.86 12.63
C ALA B 30 14.86 14.69 11.40
N GLY B 31 13.92 15.62 11.53
CA GLY B 31 13.55 16.47 10.42
C GLY B 31 12.81 15.77 9.31
N VAL B 32 12.23 14.61 9.56
CA VAL B 32 11.52 13.83 8.56
C VAL B 32 10.03 13.95 8.83
N GLN B 33 9.28 14.39 7.82
CA GLN B 33 7.84 14.57 7.94
C GLN B 33 7.19 14.02 6.68
N GLY B 34 5.86 14.04 6.66
CA GLY B 34 5.10 13.49 5.56
C GLY B 34 4.61 12.08 5.75
N MET B 35 4.71 11.53 6.96
CA MET B 35 4.29 10.17 7.20
C MET B 35 2.78 10.01 7.03
N THR B 36 2.38 8.89 6.45
CA THR B 36 0.98 8.48 6.40
C THR B 36 0.86 7.06 6.93
N VAL B 37 -0.28 6.76 7.54
CA VAL B 37 -0.47 5.50 8.24
C VAL B 37 -1.81 4.90 7.83
N THR B 38 -1.81 3.59 7.62
CA THR B 38 -3.00 2.83 7.30
C THR B 38 -3.09 1.63 8.24
N GLU B 39 -4.30 1.32 8.68
CA GLU B 39 -4.53 0.13 9.50
C GLU B 39 -4.47 -1.10 8.62
N THR B 40 -3.80 -2.14 9.10
CA THR B 40 -3.65 -3.38 8.37
C THR B 40 -3.69 -4.52 9.37
N GLN B 41 -3.75 -5.74 8.86
CA GLN B 41 -3.91 -6.92 9.69
C GLN B 41 -2.92 -8.01 9.31
N GLY B 42 -2.35 -8.65 10.33
CA GLY B 42 -1.66 -9.91 10.18
C GLY B 42 -2.48 -11.06 10.72
N PHE B 43 -1.83 -12.22 10.80
CA PHE B 43 -2.51 -13.44 11.20
C PHE B 43 -1.83 -14.13 12.36
N GLY B 44 -2.64 -14.64 13.28
CA GLY B 44 -2.14 -15.31 14.46
C GLY B 44 -2.44 -16.79 14.48
N HIS B 49 -5.58 -19.34 13.86
CA HIS B 49 -6.81 -20.09 14.13
C HIS B 49 -7.80 -19.92 12.98
N THR B 50 -8.50 -21.01 12.64
CA THR B 50 -9.40 -21.08 11.50
C THR B 50 -10.60 -21.92 11.88
N GLU B 51 -11.77 -21.58 11.32
CA GLU B 51 -13.03 -22.25 11.58
C GLU B 51 -13.59 -22.82 10.29
N VAL B 52 -14.28 -23.94 10.40
CA VAL B 52 -14.90 -24.61 9.25
C VAL B 52 -16.40 -24.36 9.29
N TYR B 53 -16.96 -23.89 8.18
CA TYR B 53 -18.40 -23.64 8.06
C TYR B 53 -18.84 -24.05 6.66
N ARG B 54 -19.47 -25.22 6.56
CA ARG B 54 -19.98 -25.74 5.30
C ARG B 54 -18.85 -26.01 4.31
N GLY B 55 -17.91 -26.84 4.74
CA GLY B 55 -16.83 -27.27 3.86
C GLY B 55 -15.97 -26.15 3.34
N ALA B 56 -15.87 -25.04 4.08
CA ALA B 56 -15.02 -23.93 3.72
C ALA B 56 -14.34 -23.42 4.98
N GLU B 57 -13.12 -22.91 4.83
CA GLU B 57 -12.33 -22.44 5.96
C GLU B 57 -12.31 -20.92 6.00
N TYR B 58 -12.43 -20.36 7.20
CA TYR B 58 -12.50 -18.92 7.40
C TYR B 58 -11.54 -18.54 8.52
N ALA B 59 -10.59 -17.65 8.21
CA ALA B 59 -9.72 -17.10 9.22
C ALA B 59 -10.54 -16.33 10.25
N VAL B 60 -10.38 -16.67 11.52
CA VAL B 60 -11.24 -16.14 12.58
C VAL B 60 -10.39 -15.46 13.64
N ASP B 61 -9.21 -14.97 13.26
CA ASP B 61 -8.25 -14.46 14.22
C ASP B 61 -7.24 -13.59 13.49
N PHE B 62 -7.29 -12.28 13.71
CA PHE B 62 -6.35 -11.37 13.08
C PHE B 62 -5.61 -10.53 14.12
N VAL B 63 -4.44 -10.05 13.72
CA VAL B 63 -3.54 -9.28 14.57
C VAL B 63 -3.50 -7.85 14.02
N PRO B 64 -3.97 -6.84 14.77
CA PRO B 64 -3.94 -5.47 14.23
C PRO B 64 -2.52 -4.94 14.16
N LYS B 65 -2.19 -4.30 13.04
CA LYS B 65 -0.93 -3.63 12.81
C LYS B 65 -1.24 -2.27 12.18
N VAL B 66 -0.21 -1.43 12.04
CA VAL B 66 -0.31 -0.21 11.24
C VAL B 66 0.78 -0.23 10.18
N LYS B 67 0.43 0.20 8.97
CA LYS B 67 1.37 0.36 7.87
C LYS B 67 1.71 1.83 7.73
N ILE B 68 2.97 2.18 7.98
CA ILE B 68 3.44 3.56 7.85
C ILE B 68 4.31 3.68 6.61
N GLU B 69 4.16 4.78 5.90
CA GLU B 69 4.93 5.06 4.70
C GLU B 69 5.51 6.46 4.80
N VAL B 70 6.78 6.61 4.42
CA VAL B 70 7.43 7.92 4.36
C VAL B 70 8.26 7.98 3.10
N ILE B 71 8.15 9.08 2.36
CA ILE B 71 8.95 9.33 1.17
C ILE B 71 10.14 10.20 1.57
N ILE B 72 11.34 9.74 1.21
CA ILE B 72 12.57 10.31 1.73
C ILE B 72 13.63 10.22 0.64
N SER B 73 14.52 11.21 0.62
CA SER B 73 15.62 11.19 -0.33
C SER B 73 16.55 10.02 -0.04
N ASP B 74 17.25 9.56 -1.07
CA ASP B 74 18.18 8.46 -0.89
C ASP B 74 19.20 8.76 0.20
N ALA B 75 19.54 10.03 0.39
CA ALA B 75 20.56 10.40 1.36
C ALA B 75 20.11 10.09 2.78
N GLN B 76 18.80 10.09 3.04
CA GLN B 76 18.27 9.88 4.39
C GLN B 76 17.63 8.51 4.56
N ALA B 77 17.61 7.68 3.51
CA ALA B 77 16.82 6.45 3.56
C ALA B 77 17.27 5.53 4.69
N GLU B 78 18.58 5.38 4.88
CA GLU B 78 19.07 4.39 5.84
C GLU B 78 18.77 4.81 7.27
N GLU B 79 18.94 6.09 7.59
CA GLU B 79 18.65 6.52 8.95
C GLU B 79 17.16 6.50 9.24
N VAL B 80 16.33 6.75 8.23
CA VAL B 80 14.88 6.62 8.42
C VAL B 80 14.54 5.17 8.75
N ILE B 81 15.13 4.23 8.01
CA ILE B 81 14.88 2.81 8.28
C ILE B 81 15.27 2.46 9.70
N ASN B 82 16.48 2.87 10.12
CA ASN B 82 16.98 2.49 11.43
C ASN B 82 16.27 3.23 12.55
N ILE B 83 15.78 4.43 12.28
CA ILE B 83 14.99 5.14 13.29
C ILE B 83 13.67 4.41 13.51
N ILE B 84 13.00 4.03 12.42
CA ILE B 84 11.75 3.28 12.55
C ILE B 84 11.99 1.98 13.31
N VAL B 85 13.06 1.26 12.95
CA VAL B 85 13.30 -0.05 13.53
C VAL B 85 13.49 0.06 15.04
N GLU B 86 14.35 0.99 15.48
CA GLU B 86 14.65 1.06 16.91
C GLU B 86 13.45 1.53 17.71
N THR B 87 12.59 2.37 17.10
CA THR B 87 11.45 2.92 17.80
C THR B 87 10.26 1.97 17.82
N ALA B 88 10.13 1.13 16.79
CA ALA B 88 9.06 0.14 16.75
C ALA B 88 9.41 -1.12 17.52
N ARG B 89 10.67 -1.28 17.91
CA ARG B 89 11.13 -2.54 18.48
C ARG B 89 10.65 -2.69 19.92
N THR B 90 10.04 -3.83 20.22
CA THR B 90 9.71 -4.22 21.58
C THR B 90 10.50 -5.41 22.08
N GLY B 91 11.12 -6.16 21.18
CA GLY B 91 11.77 -7.41 21.52
C GLY B 91 10.85 -8.61 21.51
N LYS B 92 9.54 -8.40 21.58
CA LYS B 92 8.56 -9.47 21.50
C LYS B 92 8.23 -9.77 20.04
N VAL B 93 7.72 -10.97 19.81
CA VAL B 93 7.41 -11.40 18.45
C VAL B 93 6.32 -10.51 17.87
N GLY B 94 6.31 -10.39 16.54
CA GLY B 94 5.36 -9.55 15.85
C GLY B 94 5.79 -8.12 15.65
N ASP B 95 7.05 -7.78 15.94
CA ASP B 95 7.50 -6.40 15.83
C ASP B 95 7.43 -5.88 14.39
N GLY B 96 7.46 -6.76 13.40
CA GLY B 96 7.21 -6.37 12.04
C GLY B 96 8.46 -6.25 11.18
N LYS B 97 8.31 -5.47 10.12
CA LYS B 97 9.36 -5.33 9.13
C LYS B 97 9.35 -3.93 8.53
N VAL B 98 10.51 -3.51 8.01
CA VAL B 98 10.69 -2.26 7.31
C VAL B 98 11.33 -2.56 5.96
N TRP B 99 10.89 -1.88 4.91
CA TRP B 99 11.50 -2.11 3.61
C TRP B 99 11.49 -0.85 2.76
N MET B 100 12.33 -0.85 1.74
CA MET B 100 12.55 0.28 0.85
C MET B 100 12.25 -0.10 -0.58
N THR B 101 11.55 0.78 -1.29
CA THR B 101 11.31 0.62 -2.71
C THR B 101 11.65 1.92 -3.42
N ASN B 102 12.06 1.80 -4.67
CA ASN B 102 12.48 2.97 -5.44
C ASN B 102 11.29 3.74 -5.98
N ILE B 103 11.40 5.06 -5.92
CA ILE B 103 10.43 5.96 -6.54
C ILE B 103 11.08 6.54 -7.79
N GLU B 104 10.42 6.34 -8.94
CA GLU B 104 10.96 6.80 -10.21
C GLU B 104 10.47 8.20 -10.57
N GLU B 105 9.47 8.71 -9.87
CA GLU B 105 8.98 10.06 -10.10
C GLU B 105 8.15 10.47 -8.89
N LEU B 106 8.24 11.75 -8.52
CA LEU B 106 7.51 12.31 -7.40
C LEU B 106 7.03 13.69 -7.77
N VAL B 107 5.78 13.98 -7.45
CA VAL B 107 5.17 15.27 -7.76
C VAL B 107 4.39 15.76 -6.54
N ARG B 108 4.60 17.03 -6.19
CA ARG B 108 3.73 17.68 -5.22
C ARG B 108 2.48 18.17 -5.94
N VAL B 109 1.30 17.84 -5.40
CA VAL B 109 0.06 18.16 -6.09
C VAL B 109 -0.13 19.67 -6.20
N ARG B 110 0.09 20.38 -5.10
CA ARG B 110 -0.31 21.78 -5.05
C ARG B 110 0.53 22.63 -6.00
N THR B 111 1.84 22.37 -6.07
CA THR B 111 2.74 23.25 -6.82
C THR B 111 3.24 22.65 -8.12
N GLY B 112 3.12 21.34 -8.30
CA GLY B 112 3.69 20.69 -9.45
C GLY B 112 5.18 20.41 -9.35
N GLU B 113 5.84 20.85 -8.28
CA GLU B 113 7.24 20.55 -8.07
C GLU B 113 7.48 19.06 -8.20
N ARG B 114 8.66 18.69 -8.68
CA ARG B 114 9.01 17.31 -8.92
C ARG B 114 10.36 16.98 -8.31
N GLY B 115 10.56 15.70 -8.00
CA GLY B 115 11.82 15.27 -7.44
C GLY B 115 12.02 15.81 -6.03
N GLU B 116 13.28 16.13 -5.71
CA GLU B 116 13.60 16.61 -4.37
C GLU B 116 12.87 17.90 -4.03
N ALA B 117 12.49 18.70 -5.03
CA ALA B 117 11.66 19.87 -4.77
C ALA B 117 10.28 19.49 -4.24
N ALA B 118 9.88 18.23 -4.36
CA ALA B 118 8.54 17.79 -3.97
C ALA B 118 8.48 17.23 -2.55
N LEU B 119 9.60 17.16 -1.85
CA LEU B 119 9.61 16.68 -0.47
C LEU B 119 9.12 17.77 0.48
N MET C 8 5.34 -1.34 -17.65
CA MET C 8 4.31 -1.32 -16.56
C MET C 8 4.74 -0.45 -15.38
N LYS C 9 3.82 0.38 -14.91
CA LYS C 9 4.11 1.27 -13.78
C LYS C 9 2.91 1.35 -12.85
N LEU C 10 3.19 1.50 -11.55
CA LEU C 10 2.18 1.76 -10.54
C LEU C 10 2.20 3.24 -10.19
N ILE C 11 1.05 3.89 -10.33
CA ILE C 11 0.89 5.28 -9.92
C ILE C 11 0.13 5.30 -8.60
N THR C 12 0.73 5.91 -7.59
CA THR C 12 0.11 6.05 -6.27
C THR C 12 -0.01 7.52 -5.94
N ALA C 13 -1.13 7.89 -5.31
CA ALA C 13 -1.35 9.27 -4.89
C ALA C 13 -2.08 9.29 -3.57
N ILE C 14 -1.61 10.17 -2.68
CA ILE C 14 -2.32 10.53 -1.46
C ILE C 14 -2.94 11.89 -1.69
N VAL C 15 -4.27 12.00 -1.57
CA VAL C 15 -4.99 13.21 -1.95
C VAL C 15 -6.10 13.46 -0.94
N LYS C 16 -6.70 14.65 -1.05
CA LYS C 16 -7.79 15.02 -0.16
C LYS C 16 -9.06 14.26 -0.55
N PRO C 17 -9.81 13.73 0.42
CA PRO C 17 -10.85 12.73 0.10
C PRO C 17 -11.95 13.25 -0.81
N PHE C 18 -12.23 14.55 -0.84
CA PHE C 18 -13.33 15.04 -1.65
C PHE C 18 -12.97 15.19 -3.13
N THR C 19 -11.73 14.89 -3.51
CA THR C 19 -11.32 14.86 -4.91
C THR C 19 -11.48 13.49 -5.54
N LEU C 20 -11.88 12.48 -4.75
CA LEU C 20 -11.75 11.09 -5.18
C LEU C 20 -12.52 10.82 -6.47
N THR C 21 -13.83 11.07 -6.45
CA THR C 21 -14.65 10.71 -7.60
C THR C 21 -14.37 11.60 -8.81
N ASP C 22 -13.95 12.85 -8.59
CA ASP C 22 -13.50 13.68 -9.70
C ASP C 22 -12.30 13.04 -10.39
N ILE C 23 -11.32 12.58 -9.60
CA ILE C 23 -10.14 11.93 -10.18
C ILE C 23 -10.55 10.68 -10.93
N LYS C 24 -11.42 9.86 -10.35
CA LYS C 24 -11.92 8.67 -11.03
C LYS C 24 -12.61 9.04 -12.33
N ASP C 25 -13.45 10.08 -12.29
CA ASP C 25 -14.12 10.53 -13.52
C ASP C 25 -13.09 10.93 -14.57
N ALA C 26 -12.14 11.78 -14.20
CA ALA C 26 -11.14 12.24 -15.16
C ALA C 26 -10.35 11.08 -15.75
N LEU C 27 -9.80 10.22 -14.88
CA LEU C 27 -9.10 9.04 -15.37
C LEU C 27 -10.00 8.22 -16.30
N GLU C 28 -11.25 8.01 -15.91
CA GLU C 28 -12.16 7.22 -16.73
C GLU C 28 -12.35 7.85 -18.11
N GLN C 29 -12.55 9.17 -18.15
CA GLN C 29 -12.68 9.84 -19.43
C GLN C 29 -11.45 9.63 -20.31
N ALA C 30 -10.28 9.50 -19.70
CA ALA C 30 -9.06 9.21 -20.43
C ALA C 30 -8.89 7.72 -20.74
N GLY C 31 -9.91 6.91 -20.47
CA GLY C 31 -9.81 5.49 -20.75
C GLY C 31 -8.99 4.70 -19.77
N VAL C 32 -8.73 5.24 -18.59
CA VAL C 32 -7.90 4.59 -17.57
C VAL C 32 -8.82 3.92 -16.56
N GLN C 33 -8.60 2.63 -16.34
CA GLN C 33 -9.45 1.83 -15.47
C GLN C 33 -8.61 1.16 -14.40
N GLY C 34 -9.31 0.51 -13.46
CA GLY C 34 -8.66 -0.28 -12.43
C GLY C 34 -8.24 0.49 -11.20
N MET C 35 -8.71 1.72 -11.02
CA MET C 35 -8.34 2.47 -9.83
C MET C 35 -8.89 1.79 -8.58
N THR C 36 -8.06 1.73 -7.55
CA THR C 36 -8.48 1.31 -6.22
C THR C 36 -8.12 2.41 -5.24
N VAL C 37 -8.87 2.49 -4.15
CA VAL C 37 -8.74 3.56 -3.18
C VAL C 37 -8.76 2.97 -1.79
N THR C 38 -7.89 3.48 -0.93
CA THR C 38 -7.82 3.06 0.46
C THR C 38 -7.78 4.28 1.37
N GLU C 39 -8.53 4.23 2.47
CA GLU C 39 -8.48 5.30 3.45
C GLU C 39 -7.19 5.23 4.25
N THR C 40 -6.52 6.37 4.38
CA THR C 40 -5.28 6.47 5.14
C THR C 40 -5.31 7.77 5.92
N GLN C 41 -4.31 7.95 6.79
CA GLN C 41 -4.29 9.07 7.70
C GLN C 41 -2.94 9.78 7.65
N GLY C 42 -2.99 11.11 7.61
CA GLY C 42 -1.83 11.94 7.91
C GLY C 42 -1.94 12.48 9.32
N PHE C 43 -0.89 13.18 9.74
CA PHE C 43 -0.83 13.72 11.09
C PHE C 43 -1.17 15.20 11.10
N GLY C 44 -1.89 15.62 12.14
CA GLY C 44 -2.23 17.02 12.32
C GLY C 44 -1.32 17.69 13.34
N HIS C 49 -1.89 17.28 18.45
CA HIS C 49 -1.40 17.31 19.83
C HIS C 49 -1.21 15.88 20.34
N THR C 50 -0.64 15.76 21.54
CA THR C 50 -0.16 14.46 22.02
C THR C 50 -0.27 14.36 23.53
N GLU C 51 -0.64 13.17 24.00
CA GLU C 51 -0.62 12.81 25.42
C GLU C 51 0.00 11.42 25.55
N VAL C 52 0.38 11.06 26.77
CA VAL C 52 1.12 9.83 27.03
C VAL C 52 0.28 8.88 27.89
N TYR C 53 0.60 7.60 27.79
CA TYR C 53 -0.05 6.57 28.61
C TYR C 53 1.00 5.62 29.18
N GLY C 55 4.24 3.11 28.39
CA GLY C 55 4.62 4.50 28.50
C GLY C 55 4.99 5.08 27.16
N ALA C 56 3.98 5.34 26.32
CA ALA C 56 4.20 5.83 24.97
C ALA C 56 3.30 7.03 24.71
N GLU C 57 3.78 7.92 23.85
CA GLU C 57 3.00 9.07 23.43
C GLU C 57 1.82 8.64 22.57
N TYR C 58 0.80 9.48 22.52
CA TYR C 58 -0.40 9.16 21.74
C TYR C 58 -0.95 10.40 21.09
N ALA C 59 -0.91 10.43 19.76
CA ALA C 59 -1.48 11.51 18.97
C ALA C 59 -2.99 11.38 18.93
N VAL C 60 -3.68 12.47 19.26
CA VAL C 60 -5.13 12.48 19.33
C VAL C 60 -5.75 13.16 18.12
N ASP C 61 -4.97 13.35 17.05
CA ASP C 61 -5.40 14.20 15.94
C ASP C 61 -4.84 13.65 14.64
N PHE C 62 -5.72 13.28 13.72
CA PHE C 62 -5.33 12.74 12.42
C PHE C 62 -6.10 13.41 11.30
N VAL C 63 -5.47 13.50 10.14
CA VAL C 63 -6.02 14.15 8.96
C VAL C 63 -6.40 13.07 7.96
N PRO C 64 -7.67 12.92 7.60
CA PRO C 64 -8.04 11.85 6.66
C PRO C 64 -7.63 12.18 5.23
N LYS C 65 -7.07 11.17 4.56
CA LYS C 65 -6.71 11.23 3.15
C LYS C 65 -7.22 9.97 2.47
N VAL C 66 -7.12 9.93 1.14
CA VAL C 66 -7.37 8.71 0.39
C VAL C 66 -6.14 8.40 -0.46
N LYS C 67 -5.68 7.16 -0.38
CA LYS C 67 -4.63 6.62 -1.25
C LYS C 67 -5.30 5.98 -2.47
N ILE C 68 -4.96 6.47 -3.65
CA ILE C 68 -5.45 5.90 -4.90
C ILE C 68 -4.27 5.27 -5.61
N GLU C 69 -4.52 4.12 -6.23
CA GLU C 69 -3.51 3.41 -7.00
C GLU C 69 -4.09 3.03 -8.36
N VAL C 70 -3.32 3.26 -9.41
CA VAL C 70 -3.71 2.89 -10.77
C VAL C 70 -2.47 2.33 -11.45
N ILE C 71 -2.66 1.21 -12.16
CA ILE C 71 -1.57 0.57 -12.89
C ILE C 71 -1.73 0.91 -14.36
N ILE C 72 -0.67 1.44 -14.97
CA ILE C 72 -0.70 1.82 -16.37
C ILE C 72 0.63 1.46 -17.02
N SER C 73 0.62 1.47 -18.35
CA SER C 73 1.84 1.24 -19.11
C SER C 73 2.77 2.44 -18.98
N ASP C 74 4.06 2.19 -19.19
CA ASP C 74 5.03 3.28 -19.22
C ASP C 74 4.55 4.42 -20.11
N ALA C 75 3.85 4.10 -21.20
CA ALA C 75 3.52 5.10 -22.21
C ALA C 75 2.53 6.13 -21.67
N GLN C 76 1.60 5.71 -20.83
CA GLN C 76 0.58 6.62 -20.32
C GLN C 76 0.93 7.22 -18.96
N ALA C 77 2.03 6.78 -18.35
CA ALA C 77 2.33 7.17 -16.97
C ALA C 77 2.25 8.69 -16.79
N GLU C 78 2.87 9.44 -17.70
CA GLU C 78 2.93 10.88 -17.55
C GLU C 78 1.55 11.51 -17.67
N GLU C 79 0.72 10.98 -18.58
CA GLU C 79 -0.65 11.50 -18.71
C GLU C 79 -1.44 11.26 -17.44
N VAL C 80 -1.35 10.05 -16.87
CA VAL C 80 -2.11 9.73 -15.67
C VAL C 80 -1.67 10.60 -14.51
N ILE C 81 -0.36 10.77 -14.33
CA ILE C 81 0.17 11.60 -13.26
C ILE C 81 -0.41 13.01 -13.35
N ASN C 82 -0.38 13.59 -14.55
CA ASN C 82 -0.90 14.94 -14.72
C ASN C 82 -2.39 15.02 -14.49
N ILE C 83 -3.15 13.98 -14.87
CA ILE C 83 -4.59 13.98 -14.63
C ILE C 83 -4.87 13.99 -13.13
N ILE C 84 -4.15 13.16 -12.38
CA ILE C 84 -4.36 13.09 -10.93
C ILE C 84 -3.90 14.39 -10.29
N VAL C 85 -2.71 14.87 -10.66
CA VAL C 85 -2.21 16.12 -10.10
C VAL C 85 -3.19 17.25 -10.36
N GLU C 86 -3.68 17.35 -11.60
CA GLU C 86 -4.53 18.47 -11.98
C GLU C 86 -5.92 18.34 -11.36
N THR C 87 -6.43 17.12 -11.24
CA THR C 87 -7.77 16.94 -10.68
C THR C 87 -7.76 17.01 -9.16
N ALA C 88 -6.65 16.59 -8.53
CA ALA C 88 -6.59 16.59 -7.07
C ALA C 88 -6.19 17.93 -6.47
N ARG C 89 -5.65 18.84 -7.29
CA ARG C 89 -5.15 20.10 -6.77
C ARG C 89 -6.29 21.00 -6.32
N THR C 90 -6.13 21.60 -5.13
CA THR C 90 -7.03 22.64 -4.65
C THR C 90 -6.34 23.98 -4.46
N GLY C 91 -5.02 24.02 -4.36
CA GLY C 91 -4.30 25.24 -4.07
C GLY C 91 -4.00 25.47 -2.61
N LYS C 92 -4.63 24.72 -1.71
CA LYS C 92 -4.41 24.85 -0.28
C LYS C 92 -3.50 23.72 0.19
N VAL C 93 -2.74 23.99 1.26
CA VAL C 93 -1.74 23.03 1.70
C VAL C 93 -2.42 21.69 2.03
N GLY C 94 -1.62 20.63 2.00
CA GLY C 94 -2.13 19.30 2.22
C GLY C 94 -2.70 18.63 0.99
N ASP C 95 -2.41 19.18 -0.20
CA ASP C 95 -2.96 18.62 -1.43
C ASP C 95 -2.43 17.24 -1.77
N GLY C 96 -1.32 16.85 -1.17
CA GLY C 96 -0.81 15.50 -1.32
C GLY C 96 0.30 15.40 -2.35
N LYS C 97 0.62 14.15 -2.68
CA LYS C 97 1.71 13.83 -3.59
C LYS C 97 1.32 12.66 -4.47
N VAL C 98 2.02 12.57 -5.62
CA VAL C 98 1.84 11.51 -6.59
C VAL C 98 3.21 10.92 -6.89
N TRP C 99 3.32 9.60 -6.90
CA TRP C 99 4.61 8.98 -7.19
C TRP C 99 4.44 7.70 -7.98
N MET C 100 5.52 7.33 -8.69
CA MET C 100 5.53 6.22 -9.63
C MET C 100 6.56 5.19 -9.17
N THR C 101 6.17 3.92 -9.21
CA THR C 101 7.06 2.81 -8.88
C THR C 101 7.00 1.78 -10.01
N ASN C 102 8.11 1.08 -10.20
CA ASN C 102 8.20 0.15 -11.32
C ASN C 102 7.54 -1.17 -10.97
N ILE C 103 6.72 -1.69 -11.87
CA ILE C 103 6.14 -3.02 -11.76
C ILE C 103 6.96 -3.96 -12.63
N GLU C 104 7.39 -5.07 -12.05
CA GLU C 104 8.21 -6.05 -12.77
C GLU C 104 7.41 -7.23 -13.30
N GLU C 105 6.21 -7.47 -12.78
CA GLU C 105 5.33 -8.51 -13.27
C GLU C 105 3.91 -8.15 -12.91
N LEU C 106 2.98 -8.40 -13.84
CA LEU C 106 1.58 -8.10 -13.62
C LEU C 106 0.75 -9.24 -14.19
N VAL C 107 -0.22 -9.72 -13.40
CA VAL C 107 -1.09 -10.82 -13.81
C VAL C 107 -2.53 -10.43 -13.52
N ARG C 108 -3.41 -10.63 -14.49
CA ARG C 108 -4.85 -10.52 -14.29
C ARG C 108 -5.38 -11.86 -13.78
N VAL C 109 -6.05 -11.83 -12.63
CA VAL C 109 -6.38 -13.06 -11.93
C VAL C 109 -7.33 -13.91 -12.75
N ARG C 110 -8.37 -13.30 -13.34
CA ARG C 110 -9.44 -14.10 -13.94
C ARG C 110 -8.93 -14.89 -15.13
N THR C 111 -7.99 -14.35 -15.89
CA THR C 111 -7.56 -14.95 -17.14
C THR C 111 -6.14 -15.50 -17.10
N GLY C 112 -5.29 -14.98 -16.23
CA GLY C 112 -3.89 -15.32 -16.26
C GLY C 112 -3.06 -14.50 -17.23
N GLU C 113 -3.66 -13.55 -17.93
CA GLU C 113 -2.92 -12.68 -18.83
C GLU C 113 -1.80 -11.97 -18.08
N ARG C 114 -0.74 -11.63 -18.81
CA ARG C 114 0.43 -11.00 -18.21
C ARG C 114 0.85 -9.78 -19.01
N GLY C 115 1.54 -8.88 -18.32
CA GLY C 115 2.07 -7.70 -18.97
C GLY C 115 0.98 -6.80 -19.52
N GLU C 116 1.23 -6.29 -20.73
CA GLU C 116 0.28 -5.37 -21.35
C GLU C 116 -1.10 -5.98 -21.46
N ALA C 117 -1.19 -7.30 -21.66
CA ALA C 117 -2.49 -7.94 -21.79
C ALA C 117 -3.30 -7.94 -20.49
N ALA C 118 -2.69 -7.58 -19.37
CA ALA C 118 -3.35 -7.59 -18.07
C ALA C 118 -3.91 -6.22 -17.68
N LEU C 119 -3.70 -5.19 -18.48
CA LEU C 119 -4.27 -3.88 -18.16
C LEU C 119 -5.78 -3.93 -18.33
#